data_1X35
#
_entry.id   1X35
#
_cell.length_a   471.500
_cell.length_b   330.095
_cell.length_c   351.474
_cell.angle_alpha   90.00
_cell.angle_beta   131.05
_cell.angle_gamma   90.00
#
_symmetry.space_group_name_H-M   'C 1 2 1'
#
loop_
_entity.id
_entity.type
_entity.pdbx_description
1 polymer 'Coat protein'
2 non-polymer 'CALCIUM ION'
#
_entity_poly.entity_id   1
_entity_poly.type   'polypeptide(L)'
_entity_poly.pdbx_seq_one_letter_code
;MAKRLSKQQLAKAIANTLETPPQPKAGRRRNRRRQRSAVQQLQPTQAGISMAASAQGAMVRIRNPAVSSSRGGITVLTHS
ELSAEIGVTDSIVVSSELVMPYTVGTWLRGVAANWSKYSWLSVRYTYIPSCPSSTAGSIHMGFQYDMADTVPVSVNQLSN
LRGYVSGQVWSGSAGLCFINGTRCSDTSTAISTTLDVSKLGKKWYPYKTSADYATAVGVDVNIATPLVPARLVIALLDGS
SSTAVAAGRIYCTYTIQMIEPTASALNN
;
_entity_poly.pdbx_strand_id   A,B,C
#
loop_
_chem_comp.id
_chem_comp.type
_chem_comp.name
_chem_comp.formula
CA non-polymer 'CALCIUM ION' 'Ca 2'
#
# COMPACT_ATOMS: atom_id res chain seq x y z
N GLY A 73 -19.55 0.02 -11.78
CA GLY A 73 -18.55 0.33 -12.79
C GLY A 73 -17.27 -0.49 -12.67
N ILE A 74 -17.43 -1.74 -12.24
CA ILE A 74 -16.30 -2.65 -12.06
C ILE A 74 -16.30 -3.84 -13.01
N THR A 75 -16.74 -4.99 -12.48
CA THR A 75 -16.81 -6.29 -13.16
C THR A 75 -16.53 -7.36 -12.11
N VAL A 76 -17.54 -8.17 -11.80
CA VAL A 76 -17.35 -9.21 -10.81
C VAL A 76 -17.82 -10.58 -11.29
N LEU A 77 -16.99 -11.59 -11.02
CA LEU A 77 -17.30 -12.97 -11.44
C LEU A 77 -16.95 -13.94 -10.33
N THR A 78 -17.51 -15.14 -10.45
CA THR A 78 -17.27 -16.16 -9.46
C THR A 78 -17.07 -17.47 -10.20
N HIS A 79 -16.00 -18.20 -9.86
CA HIS A 79 -15.75 -19.48 -10.51
C HIS A 79 -14.90 -20.45 -9.71
N SER A 80 -14.79 -21.68 -10.21
CA SER A 80 -14.00 -22.72 -9.54
C SER A 80 -13.15 -23.49 -10.55
N GLU A 81 -11.91 -23.83 -10.17
CA GLU A 81 -11.01 -24.59 -11.06
C GLU A 81 -9.87 -25.30 -10.32
N LEU A 82 -9.34 -26.38 -10.90
CA LEU A 82 -8.24 -27.12 -10.26
C LEU A 82 -7.07 -26.17 -10.05
N SER A 83 -6.63 -26.07 -8.81
CA SER A 83 -5.54 -25.17 -8.50
C SER A 83 -4.21 -25.92 -8.44
N ALA A 84 -4.26 -27.22 -8.14
CA ALA A 84 -3.04 -28.03 -8.08
C ALA A 84 -3.33 -29.49 -7.78
N GLU A 85 -2.58 -30.41 -8.42
CA GLU A 85 -2.76 -31.84 -8.19
C GLU A 85 -1.84 -32.34 -7.06
N ILE A 86 -2.41 -33.16 -6.18
CA ILE A 86 -1.70 -33.64 -4.99
C ILE A 86 -1.18 -35.09 -4.95
N GLY A 87 -0.05 -35.27 -4.25
CA GLY A 87 0.56 -36.57 -4.09
C GLY A 87 1.14 -36.73 -2.69
N VAL A 88 0.98 -37.92 -2.09
CA VAL A 88 1.47 -38.18 -0.73
C VAL A 88 2.69 -39.10 -0.63
N THR A 89 3.48 -38.96 0.44
CA THR A 89 4.69 -39.76 0.65
C THR A 89 4.93 -40.27 2.09
N ASP A 90 6.09 -40.87 2.33
CA ASP A 90 6.44 -41.40 3.66
C ASP A 90 6.98 -40.29 4.57
N SER A 91 7.38 -39.17 3.97
CA SER A 91 7.91 -38.03 4.73
C SER A 91 7.12 -36.75 4.42
N ILE A 92 7.21 -35.75 5.29
CA ILE A 92 6.49 -34.49 5.08
C ILE A 92 6.91 -33.79 3.80
N VAL A 93 5.94 -33.23 3.09
CA VAL A 93 6.18 -32.52 1.84
C VAL A 93 5.48 -31.15 1.94
N VAL A 94 6.24 -30.09 2.22
CA VAL A 94 5.63 -28.77 2.35
C VAL A 94 5.68 -27.95 1.06
N SER A 95 4.51 -27.53 0.58
CA SER A 95 4.39 -26.74 -0.64
C SER A 95 3.57 -25.47 -0.38
N SER A 96 3.63 -24.50 -1.30
CA SER A 96 2.85 -23.27 -1.10
C SER A 96 2.36 -22.62 -2.38
N GLU A 97 1.21 -21.98 -2.27
CA GLU A 97 0.59 -21.30 -3.41
C GLU A 97 0.28 -19.86 -2.99
N LEU A 98 0.62 -18.91 -3.85
CA LEU A 98 0.31 -17.52 -3.55
C LEU A 98 -1.20 -17.41 -3.75
N VAL A 99 -1.84 -16.52 -3.02
CA VAL A 99 -3.27 -16.39 -3.18
C VAL A 99 -3.59 -15.25 -4.13
N MET A 100 -2.79 -15.10 -5.17
CA MET A 100 -3.03 -14.05 -6.15
C MET A 100 -3.62 -14.69 -7.41
N PRO A 101 -4.39 -13.94 -8.20
CA PRO A 101 -5.03 -14.43 -9.41
C PRO A 101 -4.13 -15.27 -10.29
N TYR A 102 -2.98 -14.73 -10.70
CA TYR A 102 -2.08 -15.48 -11.56
C TYR A 102 -1.81 -16.91 -11.10
N THR A 103 -1.58 -17.10 -9.80
CA THR A 103 -1.28 -18.43 -9.25
C THR A 103 -2.42 -19.30 -8.76
N VAL A 104 -3.64 -18.81 -8.81
CA VAL A 104 -4.74 -19.65 -8.35
C VAL A 104 -5.00 -20.74 -9.37
N GLY A 105 -5.23 -20.34 -10.61
CA GLY A 105 -5.49 -21.32 -11.66
C GLY A 105 -5.43 -20.75 -13.06
N THR A 106 -5.37 -21.65 -14.05
CA THR A 106 -5.30 -21.26 -15.46
C THR A 106 -6.30 -20.18 -15.82
N TRP A 107 -7.57 -20.57 -15.83
CA TRP A 107 -8.67 -19.69 -16.16
C TRP A 107 -8.56 -18.27 -15.59
N LEU A 108 -8.76 -18.12 -14.27
CA LEU A 108 -8.71 -16.80 -13.62
C LEU A 108 -7.43 -16.05 -13.87
N ARG A 109 -6.41 -16.76 -14.36
CA ARG A 109 -5.14 -16.13 -14.64
C ARG A 109 -5.32 -15.39 -15.97
N GLY A 110 -5.69 -16.15 -17.01
CA GLY A 110 -5.88 -15.58 -18.33
C GLY A 110 -6.96 -14.53 -18.49
N VAL A 111 -7.75 -14.33 -17.46
CA VAL A 111 -8.82 -13.35 -17.48
C VAL A 111 -8.40 -12.11 -16.69
N ALA A 112 -8.35 -12.26 -15.37
CA ALA A 112 -7.97 -11.18 -14.48
C ALA A 112 -6.79 -10.35 -14.98
N ALA A 113 -6.03 -10.91 -15.91
CA ALA A 113 -4.88 -10.21 -16.46
C ALA A 113 -5.31 -9.03 -17.31
N ASN A 114 -6.57 -8.99 -17.70
CA ASN A 114 -7.09 -7.91 -18.53
C ASN A 114 -7.57 -6.71 -17.71
N TRP A 115 -7.22 -6.71 -16.44
CA TRP A 115 -7.57 -5.65 -15.51
C TRP A 115 -6.32 -5.37 -14.70
N SER A 116 -5.95 -4.10 -14.56
CA SER A 116 -4.75 -3.75 -13.80
C SER A 116 -4.77 -4.23 -12.33
N LYS A 117 -5.88 -3.99 -11.63
CA LYS A 117 -5.98 -4.40 -10.23
C LYS A 117 -7.11 -5.41 -10.00
N TYR A 118 -7.36 -5.71 -8.73
CA TYR A 118 -8.40 -6.65 -8.33
C TYR A 118 -8.46 -6.67 -6.82
N SER A 119 -9.60 -7.11 -6.27
CA SER A 119 -9.77 -7.22 -4.83
C SER A 119 -10.47 -8.52 -4.54
N TRP A 120 -9.86 -9.34 -3.69
CA TRP A 120 -10.45 -10.62 -3.35
C TRP A 120 -11.77 -10.39 -2.66
N LEU A 121 -12.71 -11.31 -2.86
CA LEU A 121 -14.01 -11.19 -2.25
C LEU A 121 -14.39 -12.45 -1.53
N SER A 122 -13.89 -13.58 -2.03
CA SER A 122 -14.16 -14.87 -1.41
C SER A 122 -13.27 -15.95 -2.00
N VAL A 123 -12.18 -16.24 -1.32
CA VAL A 123 -11.23 -17.25 -1.77
C VAL A 123 -11.44 -18.53 -0.99
N ARG A 124 -11.58 -19.65 -1.69
CA ARG A 124 -11.77 -20.93 -1.01
C ARG A 124 -11.02 -22.08 -1.66
N TYR A 125 -10.04 -22.59 -0.95
CA TYR A 125 -9.25 -23.71 -1.41
C TYR A 125 -9.91 -24.96 -0.85
N THR A 126 -10.33 -25.84 -1.75
CA THR A 126 -11.00 -27.08 -1.37
C THR A 126 -10.25 -28.32 -1.87
N TYR A 127 -10.06 -29.30 -1.00
CA TYR A 127 -9.39 -30.51 -1.41
C TYR A 127 -10.43 -31.57 -1.75
N ILE A 128 -10.14 -32.39 -2.74
CA ILE A 128 -11.05 -33.46 -3.17
C ILE A 128 -10.30 -34.71 -3.62
N PRO A 129 -10.29 -35.75 -2.78
CA PRO A 129 -9.63 -37.04 -2.99
C PRO A 129 -9.82 -37.67 -4.36
N SER A 130 -8.95 -38.64 -4.68
CA SER A 130 -8.99 -39.37 -5.94
C SER A 130 -8.52 -40.81 -5.69
N CYS A 131 -8.34 -41.15 -4.42
CA CYS A 131 -7.86 -42.47 -4.06
C CYS A 131 -8.88 -43.39 -3.43
N PRO A 132 -8.45 -44.60 -3.05
CA PRO A 132 -9.29 -45.63 -2.41
C PRO A 132 -9.32 -45.51 -0.88
N SER A 133 -10.38 -46.04 -0.27
CA SER A 133 -10.57 -46.03 1.18
C SER A 133 -9.25 -46.41 1.81
N SER A 134 -8.55 -47.33 1.17
CA SER A 134 -7.27 -47.83 1.68
C SER A 134 -6.00 -47.15 1.17
N THR A 135 -5.85 -45.85 1.40
CA THR A 135 -4.63 -45.18 0.94
C THR A 135 -4.07 -44.22 1.97
N ALA A 136 -3.61 -44.77 3.08
CA ALA A 136 -3.03 -43.98 4.17
C ALA A 136 -2.34 -42.71 3.73
N GLY A 137 -2.43 -41.69 4.58
CA GLY A 137 -1.82 -40.41 4.30
C GLY A 137 -2.79 -39.31 4.66
N SER A 138 -2.26 -38.19 5.14
CA SER A 138 -3.11 -37.06 5.52
C SER A 138 -2.70 -35.82 4.74
N ILE A 139 -3.49 -34.76 4.87
CA ILE A 139 -3.19 -33.51 4.19
C ILE A 139 -3.44 -32.34 5.12
N HIS A 140 -2.68 -31.27 4.95
CA HIS A 140 -2.81 -30.12 5.81
C HIS A 140 -2.67 -28.80 5.08
N MET A 141 -3.52 -27.86 5.44
CA MET A 141 -3.48 -26.55 4.81
C MET A 141 -3.77 -25.47 5.81
N GLY A 142 -3.18 -24.30 5.54
CA GLY A 142 -3.35 -23.15 6.40
C GLY A 142 -2.85 -21.93 5.65
N PHE A 143 -2.91 -20.77 6.28
CA PHE A 143 -2.47 -19.55 5.63
C PHE A 143 -1.34 -18.87 6.35
N GLN A 144 -0.74 -17.93 5.63
CA GLN A 144 0.37 -17.09 6.09
C GLN A 144 0.22 -15.79 5.33
N TYR A 145 0.68 -14.68 5.89
CA TYR A 145 0.51 -13.40 5.21
C TYR A 145 1.78 -12.56 5.03
N ASP A 146 2.73 -12.72 5.95
CA ASP A 146 3.99 -11.98 5.84
C ASP A 146 4.90 -12.93 5.11
N MET A 147 4.87 -12.86 3.80
CA MET A 147 5.69 -13.75 3.00
C MET A 147 7.07 -14.03 3.61
N ALA A 148 7.65 -13.03 4.28
CA ALA A 148 8.97 -13.21 4.90
C ALA A 148 8.95 -14.31 5.96
N ASP A 149 7.81 -14.49 6.63
CA ASP A 149 7.64 -15.54 7.65
C ASP A 149 8.16 -16.84 7.06
N THR A 150 8.81 -17.66 7.88
CA THR A 150 9.35 -18.92 7.39
C THR A 150 8.24 -19.94 7.16
N VAL A 151 8.35 -20.67 6.06
CA VAL A 151 7.37 -21.68 5.70
C VAL A 151 7.45 -22.86 6.69
N PRO A 152 6.31 -23.24 7.27
CA PRO A 152 6.18 -24.34 8.24
C PRO A 152 7.00 -25.57 7.88
N VAL A 153 7.32 -26.39 8.87
CA VAL A 153 8.09 -27.59 8.60
C VAL A 153 7.62 -28.82 9.36
N SER A 154 6.63 -28.65 10.24
CA SER A 154 6.09 -29.78 11.00
C SER A 154 4.58 -29.66 10.97
N VAL A 155 3.87 -30.77 11.12
CA VAL A 155 2.42 -30.73 11.08
C VAL A 155 1.93 -29.76 12.15
N ASN A 156 2.70 -29.69 13.24
CA ASN A 156 2.36 -28.82 14.35
C ASN A 156 2.40 -27.37 13.91
N GLN A 157 3.52 -26.99 13.29
CA GLN A 157 3.71 -25.63 12.80
C GLN A 157 2.45 -25.22 12.06
N LEU A 158 2.08 -26.06 11.11
CA LEU A 158 0.92 -25.85 10.27
C LEU A 158 -0.39 -25.79 11.03
N SER A 159 -0.49 -26.49 12.15
CA SER A 159 -1.73 -26.46 12.92
C SER A 159 -1.94 -25.05 13.45
N ASN A 160 -0.84 -24.37 13.76
CA ASN A 160 -0.94 -23.02 14.29
C ASN A 160 -1.49 -21.99 13.27
N LEU A 161 -0.90 -21.93 12.07
CA LEU A 161 -1.35 -20.98 11.03
C LEU A 161 -2.90 -20.88 11.02
N ARG A 162 -3.43 -19.75 10.56
CA ARG A 162 -4.88 -19.53 10.53
C ARG A 162 -5.69 -20.42 9.58
N GLY A 163 -6.91 -20.74 9.99
CA GLY A 163 -7.76 -21.58 9.15
C GLY A 163 -7.11 -22.90 8.77
N TYR A 164 -6.65 -23.63 9.79
CA TYR A 164 -6.01 -24.92 9.58
C TYR A 164 -7.02 -25.96 9.12
N VAL A 165 -6.51 -27.11 8.73
CA VAL A 165 -7.36 -28.17 8.26
C VAL A 165 -6.52 -29.41 8.03
N SER A 166 -6.99 -30.54 8.55
CA SER A 166 -6.33 -31.82 8.45
C SER A 166 -7.34 -32.88 8.05
N GLY A 167 -6.87 -33.99 7.50
CA GLY A 167 -7.77 -35.06 7.10
C GLY A 167 -7.08 -36.09 6.23
N GLN A 168 -7.64 -37.29 6.18
CA GLN A 168 -7.07 -38.37 5.38
C GLN A 168 -7.18 -38.12 3.89
N VAL A 169 -6.06 -38.30 3.19
CA VAL A 169 -5.96 -38.12 1.76
C VAL A 169 -7.15 -38.63 0.95
N TRP A 170 -7.94 -39.52 1.54
CA TRP A 170 -9.10 -40.07 0.85
C TRP A 170 -10.38 -39.46 1.35
N SER A 171 -10.30 -38.61 2.37
CA SER A 171 -11.48 -37.96 2.92
C SER A 171 -11.75 -36.66 2.19
N GLY A 172 -12.78 -35.93 2.63
CA GLY A 172 -13.11 -34.65 2.00
C GLY A 172 -14.05 -34.80 0.81
N SER A 173 -14.48 -36.04 0.61
CA SER A 173 -15.37 -36.42 -0.48
C SER A 173 -16.52 -35.43 -0.60
N ALA A 174 -16.95 -34.91 0.54
CA ALA A 174 -18.06 -33.98 0.65
C ALA A 174 -17.74 -32.54 0.36
N GLY A 175 -16.45 -32.20 0.32
CA GLY A 175 -16.09 -30.83 0.02
C GLY A 175 -16.55 -30.44 -1.38
N LEU A 176 -17.10 -31.42 -2.11
CA LEU A 176 -17.57 -31.22 -3.46
C LEU A 176 -18.62 -30.13 -3.56
N CYS A 177 -19.72 -30.28 -2.84
CA CYS A 177 -20.81 -29.31 -2.87
C CYS A 177 -20.30 -27.86 -2.95
N PHE A 178 -19.15 -27.58 -2.34
CA PHE A 178 -18.58 -26.24 -2.36
C PHE A 178 -18.28 -25.69 -3.75
N ILE A 179 -18.12 -26.58 -4.73
CA ILE A 179 -17.81 -26.22 -6.11
C ILE A 179 -19.02 -26.16 -7.04
N ASN A 180 -20.11 -26.78 -6.64
CA ASN A 180 -21.35 -26.77 -7.42
C ASN A 180 -22.40 -26.28 -6.43
N GLY A 181 -22.16 -25.08 -5.89
CA GLY A 181 -23.05 -24.46 -4.91
C GLY A 181 -24.52 -24.81 -4.93
N THR A 182 -24.92 -25.80 -4.13
CA THR A 182 -26.31 -26.25 -4.03
C THR A 182 -26.78 -26.28 -2.58
N ARG A 183 -27.39 -27.39 -2.17
CA ARG A 183 -27.87 -27.55 -0.80
C ARG A 183 -26.77 -28.16 0.06
N CYS A 184 -25.77 -27.35 0.41
CA CYS A 184 -24.65 -27.80 1.23
C CYS A 184 -25.01 -27.91 2.70
N SER A 185 -25.52 -29.08 3.10
CA SER A 185 -25.89 -29.31 4.50
C SER A 185 -24.74 -29.97 5.24
N ASP A 186 -24.36 -31.15 4.78
CA ASP A 186 -23.29 -31.94 5.38
C ASP A 186 -21.91 -31.53 4.89
N THR A 187 -21.25 -30.66 5.64
CA THR A 187 -19.91 -30.19 5.27
C THR A 187 -18.91 -30.32 6.41
N SER A 188 -19.26 -31.10 7.42
CA SER A 188 -18.35 -31.29 8.54
C SER A 188 -17.09 -31.94 7.97
N THR A 189 -17.28 -33.10 7.36
CA THR A 189 -16.20 -33.86 6.75
C THR A 189 -15.31 -32.96 5.89
N ALA A 190 -15.96 -32.17 5.04
CA ALA A 190 -15.31 -31.24 4.09
C ALA A 190 -13.95 -30.66 4.45
N ILE A 191 -12.97 -30.95 3.60
CA ILE A 191 -11.62 -30.44 3.79
C ILE A 191 -11.43 -29.26 2.86
N SER A 192 -11.79 -28.09 3.38
CA SER A 192 -11.66 -26.85 2.63
C SER A 192 -11.52 -25.70 3.61
N THR A 193 -10.88 -24.62 3.15
CA THR A 193 -10.66 -23.43 3.98
C THR A 193 -10.96 -22.12 3.21
N THR A 194 -11.08 -21.02 3.94
CA THR A 194 -11.42 -19.73 3.35
C THR A 194 -10.50 -18.55 3.72
N LEU A 195 -10.15 -17.70 2.73
CA LEU A 195 -9.28 -16.53 2.98
C LEU A 195 -10.12 -15.41 3.57
N ASP A 196 -9.70 -14.92 4.72
CA ASP A 196 -10.41 -13.84 5.38
C ASP A 196 -10.18 -12.52 4.66
N VAL A 197 -10.93 -12.29 3.58
CA VAL A 197 -10.81 -11.05 2.80
C VAL A 197 -11.02 -9.90 3.76
N SER A 198 -11.88 -10.17 4.74
CA SER A 198 -12.25 -9.22 5.77
C SER A 198 -11.06 -8.30 6.13
N LYS A 199 -9.87 -8.86 6.30
CA LYS A 199 -8.71 -8.05 6.67
C LYS A 199 -7.30 -8.48 6.26
N LEU A 200 -6.90 -8.14 5.03
CA LEU A 200 -5.55 -8.43 4.55
C LEU A 200 -4.91 -7.08 4.29
N GLY A 201 -3.58 -7.07 4.11
CA GLY A 201 -2.87 -5.82 3.85
C GLY A 201 -3.70 -4.71 3.24
N LYS A 202 -3.63 -4.60 1.91
CA LYS A 202 -4.38 -3.60 1.15
C LYS A 202 -5.73 -4.25 0.78
N LYS A 203 -6.61 -3.54 0.08
CA LYS A 203 -7.88 -4.15 -0.30
C LYS A 203 -7.86 -4.38 -1.80
N TRP A 204 -7.12 -3.52 -2.50
CA TRP A 204 -6.95 -3.62 -3.95
C TRP A 204 -5.49 -3.96 -4.27
N TYR A 205 -5.27 -5.18 -4.74
CA TYR A 205 -3.93 -5.61 -5.09
C TYR A 205 -3.75 -5.52 -6.60
N PRO A 206 -2.51 -5.33 -7.07
CA PRO A 206 -2.25 -5.24 -8.50
C PRO A 206 -2.02 -6.66 -9.03
N TYR A 207 -2.38 -6.90 -10.29
CA TYR A 207 -2.19 -8.21 -10.88
C TYR A 207 -0.72 -8.39 -11.21
N LYS A 208 -0.14 -9.47 -10.71
CA LYS A 208 1.27 -9.72 -10.97
C LYS A 208 1.49 -11.07 -11.62
N THR A 209 2.59 -11.20 -12.34
CA THR A 209 2.94 -12.44 -13.02
C THR A 209 3.92 -13.27 -12.19
N SER A 210 3.83 -14.60 -12.30
CA SER A 210 4.72 -15.48 -11.56
C SER A 210 6.11 -14.93 -11.73
N ALA A 211 6.46 -14.69 -12.99
CA ALA A 211 7.76 -14.15 -13.35
C ALA A 211 8.12 -12.90 -12.55
N ASP A 212 7.51 -11.79 -12.93
CA ASP A 212 7.80 -10.51 -12.28
C ASP A 212 7.80 -10.56 -10.75
N TYR A 213 7.01 -11.46 -10.16
CA TYR A 213 6.99 -11.53 -8.70
C TYR A 213 8.29 -12.11 -8.17
N ALA A 214 8.60 -13.33 -8.59
CA ALA A 214 9.83 -13.97 -8.13
C ALA A 214 11.01 -13.02 -8.34
N THR A 215 11.02 -12.37 -9.50
CA THR A 215 12.07 -11.43 -9.85
C THR A 215 12.26 -10.38 -8.77
N ALA A 216 11.15 -9.82 -8.29
CA ALA A 216 11.19 -8.81 -7.24
C ALA A 216 11.56 -9.39 -5.88
N VAL A 217 11.04 -10.58 -5.58
CA VAL A 217 11.34 -11.20 -4.32
C VAL A 217 12.80 -11.62 -4.29
N GLY A 218 13.37 -11.80 -5.47
CA GLY A 218 14.76 -12.20 -5.58
C GLY A 218 15.66 -11.18 -4.89
N VAL A 219 15.15 -9.96 -4.80
CA VAL A 219 15.86 -8.85 -4.16
C VAL A 219 15.67 -8.99 -2.66
N ASP A 220 14.43 -8.88 -2.23
CA ASP A 220 14.08 -9.08 -0.83
C ASP A 220 12.65 -9.57 -0.81
N VAL A 221 12.40 -10.52 0.08
CA VAL A 221 11.07 -11.08 0.19
C VAL A 221 10.03 -9.99 0.44
N ASN A 222 10.29 -9.15 1.44
CA ASN A 222 9.36 -8.09 1.83
C ASN A 222 8.76 -7.19 0.77
N ILE A 223 9.27 -7.24 -0.45
CA ILE A 223 8.70 -6.42 -1.49
C ILE A 223 7.43 -7.12 -1.92
N ALA A 224 7.17 -8.27 -1.29
CA ALA A 224 6.01 -9.08 -1.62
C ALA A 224 4.73 -8.78 -0.86
N THR A 225 4.83 -8.43 0.42
CA THR A 225 3.62 -8.13 1.20
C THR A 225 2.81 -6.97 0.59
N PRO A 226 3.41 -6.18 -0.31
CA PRO A 226 2.60 -5.11 -0.90
C PRO A 226 2.11 -5.57 -2.28
N LEU A 227 2.64 -6.71 -2.75
CA LEU A 227 2.26 -7.28 -4.06
C LEU A 227 1.18 -8.40 -3.95
N VAL A 228 1.22 -9.25 -2.93
CA VAL A 228 0.20 -10.31 -2.76
C VAL A 228 -0.44 -10.21 -1.39
N PRO A 229 -1.62 -10.85 -1.18
CA PRO A 229 -2.35 -10.82 0.10
C PRO A 229 -1.84 -11.80 1.14
N ALA A 230 -1.79 -13.07 0.75
CA ALA A 230 -1.34 -14.14 1.62
C ALA A 230 -1.08 -15.35 0.75
N ARG A 231 -0.60 -16.43 1.37
CA ARG A 231 -0.32 -17.65 0.62
C ARG A 231 -0.77 -18.87 1.41
N LEU A 232 -1.24 -19.87 0.69
CA LEU A 232 -1.70 -21.11 1.30
C LEU A 232 -0.56 -22.11 1.42
N VAL A 233 -0.27 -22.54 2.64
CA VAL A 233 0.78 -23.52 2.89
C VAL A 233 0.16 -24.92 2.95
N ILE A 234 0.86 -25.90 2.39
CA ILE A 234 0.34 -27.26 2.36
C ILE A 234 1.37 -28.33 2.69
N ALA A 235 0.91 -29.40 3.33
CA ALA A 235 1.80 -30.49 3.67
C ALA A 235 1.08 -31.82 3.60
N LEU A 236 1.82 -32.85 3.19
CA LEU A 236 1.30 -34.20 3.06
C LEU A 236 2.26 -35.20 3.67
N LEU A 237 1.73 -36.08 4.51
CA LEU A 237 2.56 -37.09 5.15
C LEU A 237 1.74 -38.30 5.58
N ASP A 238 2.39 -39.17 6.35
CA ASP A 238 1.77 -40.40 6.83
C ASP A 238 1.36 -41.23 5.60
N GLY A 239 2.21 -41.17 4.58
CA GLY A 239 1.95 -41.88 3.34
C GLY A 239 2.28 -43.35 3.34
N SER A 240 1.74 -44.06 2.35
CA SER A 240 1.92 -45.51 2.21
C SER A 240 3.29 -45.88 1.65
N SER A 241 3.84 -45.03 0.78
CA SER A 241 5.12 -45.32 0.14
C SER A 241 6.14 -44.19 0.31
N SER A 242 7.26 -44.32 -0.38
CA SER A 242 8.35 -43.35 -0.35
C SER A 242 8.46 -42.70 -1.73
N THR A 243 7.51 -43.04 -2.59
CA THR A 243 7.46 -42.50 -3.95
C THR A 243 6.04 -42.05 -4.21
N ALA A 244 5.89 -40.79 -4.58
CA ALA A 244 4.60 -40.15 -4.87
C ALA A 244 3.41 -41.08 -5.13
N VAL A 245 2.25 -40.74 -4.54
CA VAL A 245 1.05 -41.54 -4.72
C VAL A 245 -0.18 -40.70 -5.10
N ALA A 246 -0.88 -41.15 -6.14
CA ALA A 246 -2.08 -40.46 -6.63
C ALA A 246 -3.02 -40.16 -5.47
N ALA A 247 -2.96 -38.92 -4.96
CA ALA A 247 -3.78 -38.49 -3.82
C ALA A 247 -5.15 -37.89 -4.13
N GLY A 248 -5.13 -36.63 -4.55
CA GLY A 248 -6.34 -35.91 -4.89
C GLY A 248 -5.97 -34.60 -5.55
N ARG A 249 -6.86 -33.62 -5.48
CA ARG A 249 -6.61 -32.31 -6.09
C ARG A 249 -7.17 -31.18 -5.22
N ILE A 250 -6.62 -29.98 -5.38
CA ILE A 250 -7.11 -28.83 -4.65
C ILE A 250 -7.69 -27.87 -5.67
N TYR A 251 -8.96 -27.55 -5.48
CA TYR A 251 -9.64 -26.61 -6.37
C TYR A 251 -9.87 -25.32 -5.61
N CYS A 252 -10.00 -24.23 -6.34
CA CYS A 252 -10.25 -22.96 -5.70
C CYS A 252 -11.55 -22.38 -6.18
N THR A 253 -12.39 -22.02 -5.21
CA THR A 253 -13.70 -21.44 -5.50
C THR A 253 -13.64 -19.97 -5.08
N TYR A 254 -13.41 -19.12 -6.07
CA TYR A 254 -13.26 -17.68 -5.86
C TYR A 254 -14.30 -16.74 -6.48
N THR A 255 -14.46 -15.59 -5.83
CA THR A 255 -15.36 -14.50 -6.25
C THR A 255 -14.49 -13.26 -6.19
N ILE A 256 -14.32 -12.58 -7.32
CA ILE A 256 -13.45 -11.41 -7.35
C ILE A 256 -13.95 -10.16 -8.08
N GLN A 257 -13.47 -9.01 -7.60
CA GLN A 257 -13.77 -7.72 -8.17
C GLN A 257 -12.49 -7.29 -8.87
N MET A 258 -12.53 -7.16 -10.19
CA MET A 258 -11.34 -6.74 -10.90
C MET A 258 -11.57 -5.39 -11.57
N ILE A 259 -10.55 -4.53 -11.56
CA ILE A 259 -10.69 -3.20 -12.14
C ILE A 259 -9.53 -2.61 -12.93
N GLU A 260 -9.80 -1.43 -13.48
CA GLU A 260 -8.83 -0.66 -14.25
C GLU A 260 -8.16 -1.45 -15.37
N PRO A 261 -8.96 -1.86 -16.37
CA PRO A 261 -8.66 -2.64 -17.58
C PRO A 261 -7.33 -2.31 -18.22
N THR A 262 -6.79 -3.29 -18.94
CA THR A 262 -5.52 -3.15 -19.64
C THR A 262 -5.29 -4.28 -20.61
N ALA A 263 -4.56 -3.99 -21.69
CA ALA A 263 -4.28 -4.99 -22.69
C ALA A 263 -3.65 -6.18 -21.98
N SER A 264 -4.20 -7.36 -22.21
CA SER A 264 -3.71 -8.58 -21.58
C SER A 264 -2.19 -8.71 -21.62
N ALA A 265 -1.62 -8.46 -22.79
CA ALA A 265 -0.18 -8.57 -22.99
C ALA A 265 0.67 -7.52 -22.25
N LEU A 266 0.01 -6.52 -21.66
CA LEU A 266 0.74 -5.48 -20.96
C LEU A 266 0.93 -5.74 -19.48
N ASN A 267 0.07 -6.57 -18.89
CA ASN A 267 0.17 -6.81 -17.45
C ASN A 267 1.34 -7.65 -16.98
N ASN A 268 1.99 -7.17 -15.93
CA ASN A 268 3.12 -7.85 -15.33
C ASN A 268 2.89 -7.85 -13.83
N GLY B 72 -14.98 -11.02 16.43
CA GLY B 72 -14.65 -12.47 16.31
C GLY B 72 -13.47 -12.72 15.38
N GLY B 73 -12.61 -13.67 15.76
CA GLY B 73 -11.44 -14.01 14.96
C GLY B 73 -10.17 -13.34 15.46
N ILE B 74 -10.30 -12.05 15.72
CA ILE B 74 -9.19 -11.24 16.21
C ILE B 74 -8.78 -11.68 17.63
N THR B 75 -8.28 -10.72 18.38
CA THR B 75 -7.81 -10.92 19.75
C THR B 75 -7.33 -9.53 20.14
N VAL B 76 -7.86 -8.98 21.23
CA VAL B 76 -7.45 -7.63 21.61
C VAL B 76 -6.75 -7.44 22.95
N LEU B 77 -5.44 -7.14 22.89
CA LEU B 77 -4.63 -6.90 24.08
C LEU B 77 -4.49 -5.40 24.22
N THR B 78 -4.51 -4.94 25.46
CA THR B 78 -4.35 -3.53 25.76
C THR B 78 -3.42 -3.53 26.95
N HIS B 79 -2.20 -3.03 26.76
CA HIS B 79 -1.21 -3.05 27.83
C HIS B 79 -0.28 -1.84 27.94
N SER B 80 0.51 -1.80 29.00
CA SER B 80 1.41 -0.71 29.22
C SER B 80 2.71 -1.20 29.86
N GLU B 81 3.80 -1.16 29.07
CA GLU B 81 5.14 -1.60 29.51
C GLU B 81 6.25 -0.59 29.16
N LEU B 82 7.43 -0.72 29.78
CA LEU B 82 8.53 0.22 29.49
C LEU B 82 8.98 0.05 28.06
N SER B 83 9.01 1.16 27.32
CA SER B 83 9.40 1.13 25.93
C SER B 83 10.86 1.53 25.73
N ALA B 84 11.42 2.28 26.67
CA ALA B 84 12.82 2.71 26.57
C ALA B 84 13.30 3.54 27.76
N GLU B 85 14.48 3.19 28.30
CA GLU B 85 15.07 3.92 29.42
C GLU B 85 15.78 5.15 28.85
N ILE B 86 15.78 6.26 29.59
CA ILE B 86 16.39 7.47 29.09
C ILE B 86 17.59 7.99 29.88
N GLY B 87 18.67 8.27 29.15
CA GLY B 87 19.87 8.83 29.77
C GLY B 87 19.88 10.31 29.43
N VAL B 88 20.24 11.18 30.38
CA VAL B 88 20.25 12.62 30.13
C VAL B 88 21.63 13.24 30.10
N THR B 89 21.97 13.87 28.97
CA THR B 89 23.27 14.51 28.79
C THR B 89 23.19 15.96 28.30
N ASP B 90 24.31 16.50 27.84
CA ASP B 90 24.37 17.89 27.36
C ASP B 90 24.53 17.98 25.84
N SER B 91 24.99 16.89 25.22
CA SER B 91 25.16 16.87 23.78
C SER B 91 23.94 16.20 23.17
N ILE B 92 23.11 16.98 22.48
CA ILE B 92 21.90 16.45 21.87
C ILE B 92 21.94 15.12 21.15
N VAL B 93 21.63 14.04 21.85
CA VAL B 93 21.63 12.72 21.23
C VAL B 93 20.21 12.43 20.75
N VAL B 94 20.09 12.10 19.47
CA VAL B 94 18.78 11.83 18.87
C VAL B 94 18.57 10.40 18.41
N SER B 95 17.59 9.73 19.01
CA SER B 95 17.25 8.35 18.70
C SER B 95 15.91 8.19 17.99
N SER B 96 15.54 6.96 17.72
CA SER B 96 14.29 6.68 17.03
C SER B 96 13.90 5.23 17.22
N GLU B 97 12.60 5.00 17.40
CA GLU B 97 12.09 3.65 17.57
C GLU B 97 10.92 3.46 16.62
N LEU B 98 10.85 2.28 16.00
CA LEU B 98 9.75 2.02 15.09
C LEU B 98 8.53 1.85 15.97
N VAL B 99 7.38 2.24 15.44
CA VAL B 99 6.16 2.10 16.19
C VAL B 99 5.52 0.80 15.78
N MET B 100 6.20 -0.30 16.04
CA MET B 100 5.68 -1.62 15.70
C MET B 100 5.90 -2.55 16.90
N PRO B 101 5.10 -3.62 16.99
CA PRO B 101 5.20 -4.58 18.08
C PRO B 101 6.60 -5.04 18.47
N TYR B 102 7.37 -5.57 17.53
CA TYR B 102 8.72 -6.04 17.89
C TYR B 102 9.56 -4.97 18.59
N THR B 103 9.23 -3.70 18.38
CA THR B 103 10.01 -2.62 18.98
C THR B 103 9.39 -1.86 20.16
N VAL B 104 8.07 -1.81 20.24
CA VAL B 104 7.43 -1.11 21.33
C VAL B 104 7.98 -1.57 22.67
N GLY B 105 7.96 -2.88 22.92
CA GLY B 105 8.46 -3.39 24.18
C GLY B 105 8.63 -4.90 24.24
N THR B 106 9.46 -5.36 25.16
CA THR B 106 9.76 -6.77 25.35
C THR B 106 8.56 -7.70 25.51
N TRP B 107 7.62 -7.31 26.37
CA TRP B 107 6.44 -8.11 26.61
C TRP B 107 5.60 -8.29 25.34
N LEU B 108 5.14 -7.19 24.76
CA LEU B 108 4.34 -7.27 23.54
C LEU B 108 5.09 -8.03 22.45
N ARG B 109 6.37 -7.74 22.31
CA ARG B 109 7.19 -8.41 21.30
C ARG B 109 6.96 -9.90 21.43
N GLY B 110 6.96 -10.37 22.67
CA GLY B 110 6.76 -11.77 22.96
C GLY B 110 5.40 -12.32 22.54
N VAL B 111 4.34 -11.54 22.75
CA VAL B 111 3.01 -12.01 22.40
C VAL B 111 2.71 -11.87 20.92
N ALA B 112 2.71 -10.64 20.46
CA ALA B 112 2.41 -10.31 19.07
C ALA B 112 2.96 -11.29 18.03
N ALA B 113 4.04 -11.98 18.39
CA ALA B 113 4.67 -12.95 17.49
C ALA B 113 3.73 -14.07 17.09
N ASN B 114 2.89 -14.48 18.02
CA ASN B 114 1.94 -15.56 17.79
C ASN B 114 0.85 -15.20 16.77
N TRP B 115 0.92 -13.99 16.23
CA TRP B 115 -0.05 -13.54 15.25
C TRP B 115 0.68 -12.91 14.08
N SER B 116 0.34 -13.31 12.86
CA SER B 116 0.98 -12.79 11.65
C SER B 116 0.88 -11.28 11.41
N LYS B 117 -0.34 -10.75 11.31
CA LYS B 117 -0.50 -9.33 11.10
C LYS B 117 -1.11 -8.73 12.38
N TYR B 118 -1.31 -7.41 12.40
CA TYR B 118 -1.87 -6.71 13.55
C TYR B 118 -2.22 -5.30 13.15
N SER B 119 -3.06 -4.63 13.93
CA SER B 119 -3.39 -3.25 13.63
C SER B 119 -3.39 -2.45 14.89
N TRP B 120 -2.76 -1.28 14.84
CA TRP B 120 -2.69 -0.41 15.99
C TRP B 120 -4.07 0.20 16.16
N LEU B 121 -4.50 0.31 17.41
CA LEU B 121 -5.78 0.89 17.71
C LEU B 121 -5.55 2.19 18.46
N SER B 122 -4.63 2.15 19.41
CA SER B 122 -4.28 3.34 20.19
C SER B 122 -2.90 3.17 20.76
N VAL B 123 -1.96 3.89 20.19
CA VAL B 123 -0.57 3.85 20.64
C VAL B 123 -0.24 5.15 21.34
N ARG B 124 0.36 5.04 22.52
CA ARG B 124 0.72 6.22 23.29
C ARG B 124 1.97 6.07 24.15
N TYR B 125 3.00 6.81 23.75
CA TYR B 125 4.25 6.80 24.48
C TYR B 125 4.17 7.91 25.53
N THR B 126 4.56 7.57 26.75
CA THR B 126 4.51 8.52 27.85
C THR B 126 5.81 8.53 28.63
N TYR B 127 6.41 9.70 28.82
CA TYR B 127 7.65 9.78 29.57
C TYR B 127 7.33 9.88 31.05
N ILE B 128 8.10 9.16 31.86
CA ILE B 128 7.92 9.18 33.32
C ILE B 128 9.27 9.34 33.97
N PRO B 129 9.44 10.42 34.75
CA PRO B 129 10.71 10.68 35.43
C PRO B 129 11.12 9.61 36.43
N SER B 130 12.32 9.79 36.98
CA SER B 130 12.91 8.88 37.96
C SER B 130 14.21 9.53 38.44
N CYS B 131 14.21 10.85 38.47
CA CYS B 131 15.41 11.56 38.87
C CYS B 131 15.08 12.68 39.83
N PRO B 132 16.12 13.41 40.28
CA PRO B 132 15.97 14.53 41.22
C PRO B 132 15.41 15.74 40.45
N SER B 133 14.95 16.75 41.19
CA SER B 133 14.41 17.95 40.59
C SER B 133 15.59 18.83 40.19
N SER B 134 16.75 18.49 40.74
CA SER B 134 17.98 19.22 40.45
C SER B 134 18.67 18.60 39.25
N THR B 135 17.88 18.10 38.30
CA THR B 135 18.45 17.45 37.13
C THR B 135 18.14 18.21 35.84
N ALA B 136 19.05 19.10 35.47
CA ALA B 136 18.89 19.90 34.27
C ALA B 136 18.69 19.03 33.05
N GLY B 137 17.69 19.38 32.24
CA GLY B 137 17.44 18.61 31.03
C GLY B 137 16.02 18.65 30.50
N SER B 138 15.89 18.51 29.19
CA SER B 138 14.61 18.50 28.51
C SER B 138 14.55 17.33 27.53
N ILE B 139 13.35 16.81 27.27
CA ILE B 139 13.18 15.68 26.37
C ILE B 139 12.15 15.97 25.28
N HIS B 140 12.38 15.45 24.09
CA HIS B 140 11.48 15.70 22.97
C HIS B 140 11.02 14.46 22.23
N MET B 141 9.78 14.47 21.77
CA MET B 141 9.22 13.35 21.03
C MET B 141 8.42 13.82 19.83
N GLY B 142 8.41 12.99 18.79
CA GLY B 142 7.68 13.31 17.57
C GLY B 142 7.52 12.09 16.66
N PHE B 143 6.83 12.27 15.53
CA PHE B 143 6.61 11.17 14.59
C PHE B 143 6.95 11.47 13.14
N GLN B 144 7.51 10.46 12.48
CA GLN B 144 7.84 10.52 11.05
C GLN B 144 7.07 9.35 10.44
N TYR B 145 6.73 9.41 9.16
CA TYR B 145 5.97 8.31 8.58
C TYR B 145 6.53 7.72 7.28
N ASP B 146 7.26 8.53 6.54
CA ASP B 146 7.87 8.06 5.31
C ASP B 146 9.24 7.61 5.75
N MET B 147 9.32 6.38 6.24
CA MET B 147 10.57 5.84 6.72
C MET B 147 11.80 6.29 5.92
N ALA B 148 11.59 6.70 4.68
CA ALA B 148 12.69 7.17 3.83
C ALA B 148 13.26 8.51 4.28
N ASP B 149 12.42 9.36 4.90
CA ASP B 149 12.84 10.69 5.37
C ASP B 149 14.04 10.57 6.31
N THR B 150 14.87 11.62 6.32
CA THR B 150 16.06 11.62 7.17
C THR B 150 15.72 11.97 8.60
N VAL B 151 16.10 11.10 9.52
CA VAL B 151 15.85 11.31 10.93
C VAL B 151 16.40 12.69 11.28
N PRO B 152 15.58 13.53 11.94
CA PRO B 152 15.96 14.90 12.35
C PRO B 152 17.42 14.99 12.79
N VAL B 153 18.08 16.05 12.38
CA VAL B 153 19.48 16.24 12.76
C VAL B 153 19.54 17.23 13.92
N SER B 154 18.60 18.18 13.91
CA SER B 154 18.53 19.21 14.94
C SER B 154 17.21 19.04 15.65
N VAL B 155 17.17 19.37 16.94
CA VAL B 155 15.93 19.26 17.68
C VAL B 155 14.89 20.18 17.03
N ASN B 156 15.36 21.28 16.45
CA ASN B 156 14.48 22.23 15.77
C ASN B 156 13.64 21.43 14.79
N GLN B 157 14.31 20.85 13.81
CA GLN B 157 13.68 20.05 12.78
C GLN B 157 12.63 19.12 13.42
N LEU B 158 12.94 18.63 14.61
CA LEU B 158 12.05 17.72 15.34
C LEU B 158 10.77 18.43 15.82
N SER B 159 10.90 19.62 16.36
CA SER B 159 9.73 20.37 16.84
C SER B 159 8.65 20.58 15.77
N ASN B 160 8.90 20.12 14.55
CA ASN B 160 7.93 20.29 13.49
C ASN B 160 7.01 19.10 13.36
N LEU B 161 7.59 17.91 13.45
CA LEU B 161 6.88 16.64 13.33
C LEU B 161 5.53 16.64 14.02
N ARG B 162 4.65 15.72 13.63
CA ARG B 162 3.33 15.62 14.25
C ARG B 162 3.49 15.16 15.68
N GLY B 163 2.73 15.79 16.57
CA GLY B 163 2.76 15.42 17.98
C GLY B 163 4.02 15.79 18.71
N TYR B 164 4.60 16.93 18.33
CA TYR B 164 5.80 17.36 18.98
C TYR B 164 5.45 17.67 20.42
N VAL B 165 6.33 17.28 21.33
CA VAL B 165 6.12 17.50 22.75
C VAL B 165 7.47 17.56 23.44
N SER B 166 7.57 18.35 24.50
CA SER B 166 8.83 18.47 25.20
C SER B 166 8.70 19.17 26.55
N GLY B 167 9.31 18.57 27.57
CA GLY B 167 9.27 19.12 28.93
C GLY B 167 10.52 18.79 29.75
N GLN B 168 10.64 19.34 30.95
CA GLN B 168 11.81 19.09 31.79
C GLN B 168 11.86 17.63 32.24
N VAL B 169 13.03 17.01 32.02
CA VAL B 169 13.28 15.61 32.32
C VAL B 169 12.97 15.10 33.72
N TRP B 170 12.39 15.96 34.55
CA TRP B 170 12.04 15.57 35.91
C TRP B 170 10.56 15.80 36.16
N SER B 171 9.89 16.42 35.20
CA SER B 171 8.46 16.68 35.33
C SER B 171 7.70 15.52 34.69
N GLY B 172 6.38 15.68 34.55
CA GLY B 172 5.56 14.64 33.93
C GLY B 172 5.00 13.62 34.91
N SER B 173 5.32 13.81 36.17
CA SER B 173 4.88 12.91 37.25
C SER B 173 3.42 12.55 37.04
N ALA B 174 2.67 13.52 36.52
CA ALA B 174 1.25 13.38 36.29
C ALA B 174 0.86 12.37 35.21
N GLY B 175 1.73 12.17 34.23
CA GLY B 175 1.46 11.24 33.15
C GLY B 175 1.18 9.83 33.64
N LEU B 176 1.62 9.56 34.87
CA LEU B 176 1.46 8.27 35.50
C LEU B 176 0.09 7.64 35.28
N CYS B 177 -0.96 8.44 35.25
CA CYS B 177 -2.29 7.90 35.08
C CYS B 177 -2.55 7.23 33.73
N PHE B 178 -1.52 7.15 32.89
CA PHE B 178 -1.66 6.50 31.59
C PHE B 178 -1.14 5.09 31.64
N ILE B 179 -0.27 4.84 32.61
CA ILE B 179 0.33 3.54 32.77
C ILE B 179 -0.49 2.55 33.60
N ASN B 180 -1.02 2.99 34.74
CA ASN B 180 -1.80 2.08 35.58
C ASN B 180 -3.28 2.08 35.20
N GLY B 181 -3.63 2.88 34.20
CA GLY B 181 -5.01 2.96 33.74
C GLY B 181 -6.01 3.43 34.80
N THR B 182 -5.60 4.37 35.64
CA THR B 182 -6.47 4.90 36.68
C THR B 182 -7.30 6.07 36.12
N ARG B 183 -8.00 6.79 36.99
CA ARG B 183 -8.79 7.93 36.54
C ARG B 183 -7.85 9.13 36.39
N CYS B 184 -7.74 9.64 35.16
CA CYS B 184 -6.87 10.77 34.86
C CYS B 184 -7.46 12.11 35.28
N SER B 185 -6.77 12.82 36.14
CA SER B 185 -7.24 14.14 36.58
C SER B 185 -6.83 15.15 35.48
N ASP B 186 -5.84 15.99 35.79
CA ASP B 186 -5.36 16.96 34.83
C ASP B 186 -4.09 16.39 34.21
N THR B 187 -4.09 16.22 32.89
CA THR B 187 -2.94 15.65 32.18
C THR B 187 -2.18 16.65 31.31
N SER B 188 -2.36 17.94 31.59
CA SER B 188 -1.71 18.97 30.82
C SER B 188 -0.20 18.98 31.02
N THR B 189 0.25 18.57 32.21
CA THR B 189 1.67 18.56 32.52
C THR B 189 2.39 17.29 32.11
N ALA B 190 1.64 16.33 31.55
CA ALA B 190 2.21 15.04 31.16
C ALA B 190 2.96 15.04 29.85
N ILE B 191 4.18 14.55 29.90
CA ILE B 191 5.01 14.46 28.71
C ILE B 191 4.57 13.17 28.04
N SER B 192 3.69 13.29 27.06
CA SER B 192 3.16 12.12 26.37
C SER B 192 2.50 12.52 25.04
N THR B 193 2.67 11.68 24.01
CA THR B 193 2.04 11.93 22.71
C THR B 193 1.39 10.64 22.19
N THR B 194 0.45 10.80 21.25
CA THR B 194 -0.28 9.66 20.71
C THR B 194 -0.07 9.46 19.22
N LEU B 195 -0.51 8.32 18.72
CA LEU B 195 -0.38 8.04 17.30
C LEU B 195 -1.71 8.26 16.60
N ASP B 196 -1.67 9.03 15.52
CA ASP B 196 -2.84 9.34 14.73
C ASP B 196 -3.18 8.15 13.84
N VAL B 197 -3.72 7.08 14.43
CA VAL B 197 -4.07 5.84 13.71
C VAL B 197 -4.91 5.94 12.45
N SER B 198 -5.85 6.90 12.44
CA SER B 198 -6.73 7.09 11.29
C SER B 198 -6.01 7.45 9.99
N LYS B 199 -4.81 8.02 10.12
CA LYS B 199 -4.01 8.46 8.98
C LYS B 199 -2.76 7.62 8.65
N LEU B 200 -2.82 6.32 8.91
CA LEU B 200 -1.69 5.45 8.61
C LEU B 200 -1.90 4.76 7.29
N GLY B 201 -0.79 4.50 6.60
CA GLY B 201 -0.85 3.84 5.30
C GLY B 201 -1.88 2.73 5.30
N LYS B 202 -1.46 1.57 5.80
CA LYS B 202 -2.31 0.38 5.85
C LYS B 202 -3.05 0.29 7.20
N LYS B 203 -4.15 -0.48 7.24
CA LYS B 203 -4.87 -0.66 8.49
C LYS B 203 -4.14 -1.76 9.24
N TRP B 204 -3.84 -2.83 8.51
CA TRP B 204 -3.13 -3.98 9.05
C TRP B 204 -1.69 -4.10 8.56
N TYR B 205 -0.77 -4.30 9.51
CA TYR B 205 0.63 -4.44 9.17
C TYR B 205 1.14 -5.84 9.49
N PRO B 206 2.27 -6.23 8.89
CA PRO B 206 2.85 -7.55 9.12
C PRO B 206 3.80 -7.43 10.31
N TYR B 207 3.81 -8.44 11.17
CA TYR B 207 4.71 -8.41 12.31
C TYR B 207 6.09 -8.65 11.75
N LYS B 208 6.96 -7.66 11.90
CA LYS B 208 8.32 -7.79 11.38
C LYS B 208 9.35 -7.79 12.50
N THR B 209 10.35 -8.65 12.36
CA THR B 209 11.41 -8.74 13.35
C THR B 209 12.47 -7.70 12.97
N SER B 210 13.06 -7.05 13.97
CA SER B 210 14.08 -6.04 13.72
C SER B 210 15.05 -6.59 12.68
N ALA B 211 15.51 -7.81 12.90
CA ALA B 211 16.44 -8.45 11.98
C ALA B 211 15.98 -8.29 10.53
N ASP B 212 14.99 -9.10 10.13
CA ASP B 212 14.48 -9.08 8.77
C ASP B 212 14.19 -7.67 8.25
N TYR B 213 13.74 -6.79 9.14
CA TYR B 213 13.46 -5.43 8.73
C TYR B 213 14.75 -4.76 8.24
N ALA B 214 15.77 -4.76 9.08
CA ALA B 214 17.05 -4.18 8.71
C ALA B 214 17.50 -4.71 7.36
N THR B 215 17.46 -6.04 7.23
CA THR B 215 17.87 -6.70 6.00
C THR B 215 17.13 -6.13 4.80
N ALA B 216 15.86 -5.78 4.99
CA ALA B 216 15.05 -5.22 3.92
C ALA B 216 15.39 -3.76 3.62
N VAL B 217 15.58 -2.99 4.68
CA VAL B 217 15.91 -1.59 4.52
C VAL B 217 17.34 -1.50 4.01
N GLY B 218 18.04 -2.62 4.06
CA GLY B 218 19.41 -2.63 3.60
C GLY B 218 19.46 -2.47 2.10
N VAL B 219 18.49 -3.11 1.44
CA VAL B 219 18.39 -3.05 -0.01
C VAL B 219 17.87 -1.67 -0.36
N ASP B 220 16.72 -1.32 0.22
CA ASP B 220 16.16 0.02 0.05
C ASP B 220 15.13 0.32 1.10
N VAL B 221 15.32 1.47 1.74
CA VAL B 221 14.47 1.94 2.80
C VAL B 221 12.99 1.93 2.43
N ASN B 222 12.66 2.35 1.22
CA ASN B 222 11.27 2.40 0.81
C ASN B 222 10.53 1.09 0.91
N ILE B 223 11.27 -0.01 0.92
CA ILE B 223 10.62 -1.31 1.04
C ILE B 223 10.06 -1.45 2.45
N ALA B 224 10.25 -0.41 3.27
CA ALA B 224 9.77 -0.45 4.64
C ALA B 224 8.47 0.26 4.88
N THR B 225 8.17 1.28 4.08
CA THR B 225 6.94 2.05 4.26
C THR B 225 5.71 1.17 4.43
N PRO B 226 5.73 -0.05 3.87
CA PRO B 226 4.59 -0.96 4.00
C PRO B 226 4.73 -2.00 5.13
N LEU B 227 5.81 -1.90 5.92
CA LEU B 227 6.03 -2.84 7.02
C LEU B 227 5.81 -2.18 8.37
N VAL B 228 6.04 -0.87 8.42
CA VAL B 228 5.87 -0.12 9.66
C VAL B 228 5.10 1.17 9.42
N PRO B 229 4.12 1.44 10.30
CA PRO B 229 3.25 2.63 10.25
C PRO B 229 3.98 3.96 10.43
N ALA B 230 4.76 4.06 11.50
CA ALA B 230 5.49 5.29 11.76
C ALA B 230 6.70 5.04 12.64
N ARG B 231 7.44 6.11 12.88
CA ARG B 231 8.64 6.04 13.69
C ARG B 231 8.61 7.15 14.73
N LEU B 232 8.98 6.82 15.96
CA LEU B 232 9.00 7.83 17.01
C LEU B 232 10.40 8.44 17.13
N VAL B 233 10.49 9.74 16.89
CA VAL B 233 11.76 10.44 16.97
C VAL B 233 11.90 11.02 18.35
N ILE B 234 12.99 10.68 19.02
CA ILE B 234 13.22 11.16 20.36
C ILE B 234 14.53 11.89 20.52
N ALA B 235 14.46 13.07 21.14
CA ALA B 235 15.65 13.86 21.35
C ALA B 235 15.84 14.10 22.84
N LEU B 236 17.08 13.93 23.29
CA LEU B 236 17.38 14.16 24.68
C LEU B 236 18.60 15.06 24.76
N LEU B 237 18.36 16.37 24.79
CA LEU B 237 19.41 17.37 24.84
C LEU B 237 19.47 17.96 26.25
N ASP B 238 20.22 19.05 26.38
CA ASP B 238 20.38 19.78 27.64
C ASP B 238 20.59 18.91 28.88
N GLY B 239 21.79 19.00 29.45
CA GLY B 239 22.12 18.24 30.64
C GLY B 239 23.09 19.06 31.47
N SER B 240 23.74 18.43 32.44
CA SER B 240 24.70 19.17 33.27
C SER B 240 26.06 18.48 33.35
N SER B 241 26.12 17.23 32.88
CA SER B 241 27.36 16.47 32.89
C SER B 241 27.66 15.89 31.51
N SER B 242 28.94 15.58 31.27
CA SER B 242 29.37 15.02 29.99
C SER B 242 29.02 13.54 29.85
N THR B 243 28.79 12.88 30.98
CA THR B 243 28.43 11.46 30.99
C THR B 243 26.93 11.32 31.29
N ALA B 244 26.42 10.10 31.16
CA ALA B 244 25.00 9.82 31.39
C ALA B 244 24.52 9.89 32.84
N VAL B 245 23.26 10.30 32.99
CA VAL B 245 22.60 10.42 34.29
C VAL B 245 21.18 9.84 34.12
N ALA B 246 20.88 8.75 34.83
CA ALA B 246 19.54 8.13 34.72
C ALA B 246 18.45 9.19 34.93
N ALA B 247 17.55 9.34 33.97
CA ALA B 247 16.49 10.36 34.06
C ALA B 247 15.08 9.86 34.17
N GLY B 248 14.67 9.07 33.20
CA GLY B 248 13.33 8.55 33.22
C GLY B 248 13.13 7.46 32.19
N ARG B 249 11.89 6.97 32.11
CA ARG B 249 11.54 5.93 31.17
C ARG B 249 10.36 6.34 30.31
N ILE B 250 10.27 5.74 29.13
CA ILE B 250 9.16 6.03 28.23
C ILE B 250 8.35 4.75 28.13
N TYR B 251 7.20 4.73 28.77
CA TYR B 251 6.36 3.56 28.70
C TYR B 251 5.41 3.73 27.55
N CYS B 252 4.93 2.63 27.00
CA CYS B 252 3.97 2.71 25.91
C CYS B 252 2.66 2.05 26.34
N THR B 253 1.57 2.76 26.11
CA THR B 253 0.27 2.26 26.49
C THR B 253 -0.54 2.07 25.21
N TYR B 254 -0.53 0.84 24.72
CA TYR B 254 -1.20 0.50 23.47
C TYR B 254 -2.39 -0.44 23.56
N THR B 255 -3.27 -0.33 22.58
CA THR B 255 -4.45 -1.20 22.45
C THR B 255 -4.21 -1.79 21.08
N ILE B 256 -4.17 -3.12 20.97
CA ILE B 256 -3.89 -3.72 19.68
C ILE B 256 -4.77 -4.90 19.29
N GLN B 257 -4.92 -5.07 17.99
CA GLN B 257 -5.71 -6.15 17.41
C GLN B 257 -4.72 -7.10 16.74
N MET B 258 -4.60 -8.30 17.30
CA MET B 258 -3.69 -9.29 16.75
C MET B 258 -4.46 -10.31 15.94
N ILE B 259 -3.97 -10.63 14.74
CA ILE B 259 -4.68 -11.60 13.91
C ILE B 259 -3.85 -12.62 13.15
N GLU B 260 -4.55 -13.51 12.46
CA GLU B 260 -3.92 -14.56 11.65
C GLU B 260 -2.72 -15.24 12.35
N PRO B 261 -2.99 -15.92 13.49
CA PRO B 261 -2.05 -16.65 14.36
C PRO B 261 -1.00 -17.43 13.58
N THR B 262 0.13 -17.70 14.25
CA THR B 262 1.23 -18.42 13.63
C THR B 262 2.23 -18.92 14.66
N ALA B 263 2.98 -19.96 14.29
CA ALA B 263 3.98 -20.50 15.18
C ALA B 263 4.96 -19.37 15.49
N SER B 264 5.32 -19.24 16.77
CA SER B 264 6.22 -18.21 17.23
C SER B 264 7.49 -18.00 16.39
N ALA B 265 8.29 -19.05 16.26
CA ALA B 265 9.54 -18.99 15.51
C ALA B 265 9.41 -18.88 13.99
N LEU B 266 8.19 -18.87 13.48
CA LEU B 266 8.01 -18.76 12.05
C LEU B 266 7.74 -17.32 11.61
N ASN B 267 7.76 -16.39 12.56
CA ASN B 267 7.49 -15.00 12.22
C ASN B 267 8.75 -14.20 11.98
N ASN B 268 8.76 -13.42 10.90
CA ASN B 268 9.92 -12.60 10.56
C ASN B 268 9.50 -11.17 10.21
N PRO C 44 -23.62 26.03 -34.83
CA PRO C 44 -24.85 25.21 -34.55
C PRO C 44 -25.99 26.07 -33.97
N THR C 45 -27.07 26.23 -34.75
CA THR C 45 -28.46 26.56 -34.41
C THR C 45 -29.39 25.36 -34.34
N GLN C 46 -29.58 24.65 -35.45
CA GLN C 46 -30.44 23.47 -35.51
C GLN C 46 -29.84 22.32 -34.69
N ALA C 47 -30.08 21.09 -35.14
CA ALA C 47 -29.57 19.92 -34.42
C ALA C 47 -28.91 18.91 -35.34
N GLY C 48 -27.65 18.63 -35.07
CA GLY C 48 -26.89 17.69 -35.88
C GLY C 48 -25.83 18.41 -36.70
N ILE C 49 -26.05 19.70 -36.90
CA ILE C 49 -25.13 20.51 -37.69
C ILE C 49 -23.99 21.00 -36.80
N SER C 50 -22.77 20.87 -37.32
CA SER C 50 -21.57 21.27 -36.61
C SER C 50 -20.60 22.04 -37.51
N MET C 51 -20.07 23.14 -36.98
CA MET C 51 -19.13 23.98 -37.72
C MET C 51 -17.69 23.91 -37.13
N ALA C 52 -16.73 23.48 -37.95
CA ALA C 52 -15.35 23.37 -37.50
C ALA C 52 -14.61 24.65 -37.81
N ALA C 53 -14.09 25.29 -36.77
CA ALA C 53 -13.35 26.55 -36.92
C ALA C 53 -12.00 26.37 -37.61
N SER C 54 -11.42 27.46 -38.12
CA SER C 54 -10.13 27.31 -38.78
C SER C 54 -9.16 26.97 -37.67
N ALA C 55 -9.46 27.44 -36.46
CA ALA C 55 -8.61 27.17 -35.31
C ALA C 55 -9.33 27.51 -34.01
N GLN C 56 -9.11 26.73 -32.96
CA GLN C 56 -9.74 26.98 -31.66
C GLN C 56 -8.85 27.80 -30.75
N GLY C 57 -9.47 28.57 -29.86
CA GLY C 57 -8.70 29.39 -28.95
C GLY C 57 -9.24 29.47 -27.54
N ALA C 58 -8.40 29.15 -26.57
CA ALA C 58 -8.80 29.19 -25.16
C ALA C 58 -7.79 29.98 -24.34
N MET C 59 -8.26 31.11 -23.80
CA MET C 59 -7.44 32.01 -22.98
C MET C 59 -7.41 31.55 -21.52
N VAL C 60 -6.31 30.91 -21.16
CA VAL C 60 -6.09 30.37 -19.83
C VAL C 60 -5.64 31.39 -18.81
N ARG C 61 -6.29 31.35 -17.66
CA ARG C 61 -5.97 32.21 -16.52
C ARG C 61 -6.15 31.36 -15.27
N ILE C 62 -5.04 31.06 -14.60
CA ILE C 62 -5.06 30.25 -13.40
C ILE C 62 -5.25 31.12 -12.17
N ARG C 63 -6.28 30.82 -11.39
CA ARG C 63 -6.57 31.59 -10.18
C ARG C 63 -5.66 31.19 -9.00
N ASN C 64 -5.45 32.13 -8.08
CA ASN C 64 -4.62 31.91 -6.89
C ASN C 64 -4.95 30.57 -6.24
N PRO C 65 -3.96 29.95 -5.59
CA PRO C 65 -4.19 28.65 -4.95
C PRO C 65 -5.25 28.74 -3.85
N ALA C 66 -5.72 27.58 -3.42
CA ALA C 66 -6.74 27.52 -2.38
C ALA C 66 -6.28 26.59 -1.28
N VAL C 67 -5.84 27.18 -0.17
CA VAL C 67 -5.36 26.39 0.95
C VAL C 67 -6.21 26.59 2.19
N SER C 68 -6.46 25.50 2.90
CA SER C 68 -7.28 25.57 4.11
C SER C 68 -6.91 24.50 5.13
N SER C 69 -6.40 24.95 6.27
CA SER C 69 -6.01 24.03 7.34
C SER C 69 -7.23 23.63 8.15
N SER C 70 -7.83 22.51 7.78
CA SER C 70 -9.02 21.98 8.45
C SER C 70 -8.65 21.14 9.70
N ARG C 71 -8.92 21.69 10.88
CA ARG C 71 -8.63 21.02 12.15
C ARG C 71 -8.73 19.51 12.03
N GLY C 72 -7.78 18.81 12.64
CA GLY C 72 -7.78 17.37 12.56
C GLY C 72 -6.44 16.93 12.00
N GLY C 73 -5.79 17.84 11.27
CA GLY C 73 -4.49 17.55 10.70
C GLY C 73 -4.27 17.95 9.25
N ILE C 74 -5.20 17.52 8.40
CA ILE C 74 -5.12 17.80 6.96
C ILE C 74 -5.11 19.27 6.58
N THR C 75 -4.36 19.57 5.54
CA THR C 75 -4.27 20.91 5.00
C THR C 75 -4.69 20.67 3.56
N VAL C 76 -5.76 21.33 3.12
CA VAL C 76 -6.26 21.12 1.78
C VAL C 76 -5.78 22.15 0.80
N LEU C 77 -5.33 21.65 -0.35
CA LEU C 77 -4.82 22.51 -1.41
C LEU C 77 -5.47 22.09 -2.72
N THR C 78 -5.95 23.07 -3.47
CA THR C 78 -6.60 22.83 -4.75
C THR C 78 -5.99 23.85 -5.68
N HIS C 79 -5.28 23.40 -6.70
CA HIS C 79 -4.64 24.33 -7.60
C HIS C 79 -4.48 23.76 -9.00
N SER C 80 -4.08 24.61 -9.94
CA SER C 80 -3.90 24.17 -11.33
C SER C 80 -2.49 24.57 -11.82
N GLU C 81 -1.87 23.73 -12.63
CA GLU C 81 -0.54 24.04 -13.14
C GLU C 81 -0.32 23.43 -14.51
N LEU C 82 0.53 24.06 -15.30
CA LEU C 82 0.83 23.56 -16.63
C LEU C 82 1.66 22.31 -16.35
N SER C 83 1.11 21.14 -16.65
CA SER C 83 1.81 19.90 -16.36
C SER C 83 2.77 19.41 -17.44
N ALA C 84 2.42 19.60 -18.71
CA ALA C 84 3.29 19.14 -19.79
C ALA C 84 3.08 19.80 -21.16
N GLU C 85 4.16 19.82 -21.95
CA GLU C 85 4.18 20.40 -23.29
C GLU C 85 3.99 19.27 -24.32
N ILE C 86 3.16 19.51 -25.33
CA ILE C 86 2.85 18.48 -26.32
C ILE C 86 3.33 18.67 -27.76
N GLY C 87 3.69 17.55 -28.39
CA GLY C 87 4.14 17.55 -29.78
C GLY C 87 3.70 16.29 -30.51
N VAL C 88 3.31 16.41 -31.78
CA VAL C 88 2.85 15.25 -32.55
C VAL C 88 3.65 14.94 -33.82
N THR C 89 3.83 13.65 -34.09
CA THR C 89 4.57 13.19 -35.26
C THR C 89 3.77 12.13 -36.01
N ASP C 90 4.23 11.76 -37.21
CA ASP C 90 3.54 10.76 -38.03
C ASP C 90 3.63 9.34 -37.44
N SER C 91 4.61 9.11 -36.59
CA SER C 91 4.78 7.81 -35.93
C SER C 91 4.34 7.97 -34.49
N ILE C 92 3.74 6.93 -33.93
CA ILE C 92 3.25 6.96 -32.56
C ILE C 92 4.32 7.21 -31.49
N VAL C 93 3.94 7.96 -30.47
CA VAL C 93 4.83 8.31 -29.38
C VAL C 93 4.13 8.13 -28.04
N VAL C 94 4.69 7.34 -27.14
CA VAL C 94 4.05 7.13 -25.85
C VAL C 94 4.82 7.78 -24.71
N SER C 95 4.18 8.76 -24.08
CA SER C 95 4.76 9.50 -22.96
C SER C 95 4.05 9.07 -21.68
N SER C 96 4.76 9.05 -20.55
CA SER C 96 4.16 8.65 -19.27
C SER C 96 4.56 9.57 -18.12
N GLU C 97 3.61 9.89 -17.25
CA GLU C 97 3.94 10.76 -16.12
C GLU C 97 3.30 10.23 -14.83
N LEU C 98 4.12 10.04 -13.79
CA LEU C 98 3.62 9.54 -12.51
C LEU C 98 2.67 10.54 -11.91
N VAL C 99 1.54 10.07 -11.39
CA VAL C 99 0.61 10.99 -10.79
C VAL C 99 0.80 11.09 -9.28
N MET C 100 1.93 11.66 -8.89
CA MET C 100 2.26 11.87 -7.49
C MET C 100 2.69 13.33 -7.36
N PRO C 101 2.56 13.92 -6.16
CA PRO C 101 2.94 15.32 -5.89
C PRO C 101 4.19 15.84 -6.59
N TYR C 102 5.35 15.32 -6.19
CA TYR C 102 6.62 15.76 -6.77
C TYR C 102 6.58 15.87 -8.30
N THR C 103 5.84 14.98 -8.96
CA THR C 103 5.77 14.98 -10.43
C THR C 103 4.65 15.82 -11.05
N VAL C 104 3.45 15.72 -10.49
CA VAL C 104 2.32 16.46 -11.03
C VAL C 104 2.59 17.95 -11.18
N GLY C 105 2.65 18.65 -10.05
CA GLY C 105 2.87 20.09 -10.08
C GLY C 105 4.21 20.63 -9.63
N THR C 106 4.67 21.65 -10.34
CA THR C 106 5.95 22.29 -10.06
C THR C 106 5.88 23.18 -8.82
N TRP C 107 4.67 23.63 -8.49
CA TRP C 107 4.47 24.46 -7.31
C TRP C 107 4.17 23.47 -6.22
N LEU C 108 3.26 22.55 -6.51
CA LEU C 108 2.85 21.52 -5.57
C LEU C 108 4.06 20.81 -5.01
N ARG C 109 5.11 20.72 -5.81
CA ARG C 109 6.31 20.04 -5.35
C ARG C 109 6.81 20.73 -4.09
N GLY C 110 7.08 22.04 -4.18
CA GLY C 110 7.56 22.78 -3.01
C GLY C 110 6.63 22.86 -1.83
N VAL C 111 5.33 22.83 -2.10
CA VAL C 111 4.31 22.92 -1.07
C VAL C 111 4.21 21.67 -0.22
N ALA C 112 3.72 20.59 -0.82
CA ALA C 112 3.53 19.32 -0.13
C ALA C 112 4.79 18.81 0.57
N ALA C 113 5.92 19.41 0.26
CA ALA C 113 7.20 19.02 0.85
C ALA C 113 7.17 19.10 2.36
N ASN C 114 6.40 20.05 2.88
CA ASN C 114 6.31 20.28 4.31
C ASN C 114 5.41 19.31 5.06
N TRP C 115 4.91 18.30 4.36
CA TRP C 115 4.02 17.30 4.97
C TRP C 115 4.52 15.92 4.57
N SER C 116 4.47 14.96 5.49
CA SER C 116 4.93 13.59 5.23
C SER C 116 4.06 12.75 4.29
N LYS C 117 2.74 12.88 4.38
CA LYS C 117 1.86 12.10 3.50
C LYS C 117 0.88 12.99 2.74
N TYR C 118 0.05 12.35 1.92
CA TYR C 118 -0.93 13.06 1.13
C TYR C 118 -1.93 12.09 0.55
N SER C 119 -3.10 12.59 0.20
CA SER C 119 -4.12 11.75 -0.40
C SER C 119 -4.72 12.54 -1.53
N TRP C 120 -4.70 11.94 -2.72
CA TRP C 120 -5.29 12.60 -3.87
C TRP C 120 -6.78 12.65 -3.60
N LEU C 121 -7.40 13.75 -4.01
CA LEU C 121 -8.83 13.89 -3.80
C LEU C 121 -9.51 14.09 -5.12
N SER C 122 -8.75 14.60 -6.08
CA SER C 122 -9.26 14.84 -7.41
C SER C 122 -8.13 15.34 -8.29
N VAL C 123 -7.71 14.49 -9.23
CA VAL C 123 -6.66 14.85 -10.16
C VAL C 123 -7.23 14.85 -11.55
N ARG C 124 -7.02 15.94 -12.29
CA ARG C 124 -7.54 16.05 -13.65
C ARG C 124 -6.56 16.65 -14.63
N TYR C 125 -6.29 15.90 -15.68
CA TYR C 125 -5.39 16.33 -16.73
C TYR C 125 -6.23 16.81 -17.90
N THR C 126 -6.15 18.11 -18.17
CA THR C 126 -6.90 18.71 -19.26
C THR C 126 -6.00 19.11 -20.41
N TYR C 127 -6.53 18.98 -21.63
CA TYR C 127 -5.75 19.32 -22.80
C TYR C 127 -6.27 20.55 -23.51
N ILE C 128 -5.35 21.40 -23.94
CA ILE C 128 -5.68 22.63 -24.65
C ILE C 128 -4.87 22.69 -25.93
N PRO C 129 -5.55 22.84 -27.07
CA PRO C 129 -4.87 22.90 -28.37
C PRO C 129 -4.34 24.29 -28.64
N SER C 130 -3.08 24.38 -29.04
CA SER C 130 -2.49 25.67 -29.35
C SER C 130 -2.15 25.74 -30.83
N CYS C 131 -2.96 25.04 -31.63
CA CYS C 131 -2.72 25.01 -33.06
C CYS C 131 -4.00 25.11 -33.88
N PRO C 132 -3.87 25.15 -35.22
CA PRO C 132 -4.95 25.24 -36.20
C PRO C 132 -5.61 23.90 -36.53
N SER C 133 -6.86 23.96 -36.95
CA SER C 133 -7.63 22.77 -37.33
C SER C 133 -7.05 22.18 -38.59
N SER C 134 -6.18 22.96 -39.22
CA SER C 134 -5.52 22.52 -40.44
C SER C 134 -4.35 21.59 -40.10
N THR C 135 -4.11 21.45 -38.80
CA THR C 135 -3.04 20.57 -38.30
C THR C 135 -3.55 19.13 -38.31
N ALA C 136 -2.66 18.17 -38.52
CA ALA C 136 -3.10 16.79 -38.54
C ALA C 136 -2.60 16.08 -37.31
N GLY C 137 -3.49 15.37 -36.62
CA GLY C 137 -3.06 14.66 -35.42
C GLY C 137 -4.08 14.44 -34.31
N SER C 138 -3.87 13.37 -33.53
CA SER C 138 -4.77 13.02 -32.43
C SER C 138 -4.00 12.65 -31.18
N ILE C 139 -4.67 12.83 -30.04
CA ILE C 139 -4.06 12.54 -28.75
C ILE C 139 -4.77 11.38 -28.06
N HIS C 140 -4.08 10.77 -27.10
CA HIS C 140 -4.62 9.65 -26.37
C HIS C 140 -4.10 9.61 -24.95
N MET C 141 -5.00 9.42 -23.99
CA MET C 141 -4.61 9.38 -22.60
C MET C 141 -5.36 8.32 -21.83
N GLY C 142 -4.73 7.85 -20.76
CA GLY C 142 -5.33 6.84 -19.91
C GLY C 142 -4.44 6.58 -18.71
N PHE C 143 -4.90 5.76 -17.78
CA PHE C 143 -4.12 5.49 -16.60
C PHE C 143 -3.74 4.03 -16.44
N GLN C 144 -2.63 3.81 -15.74
CA GLN C 144 -2.11 2.48 -15.43
C GLN C 144 -1.86 2.50 -13.92
N TYR C 145 -1.86 1.36 -13.27
CA TYR C 145 -1.68 1.37 -11.81
C TYR C 145 -0.56 0.52 -11.21
N ASP C 146 0.04 -0.32 -12.04
CA ASP C 146 1.13 -1.18 -11.61
C ASP C 146 2.33 -0.84 -12.49
N MET C 147 3.20 0.04 -12.02
CA MET C 147 4.35 0.44 -12.84
C MET C 147 5.09 -0.70 -13.53
N ALA C 148 4.94 -1.92 -13.00
CA ALA C 148 5.61 -3.07 -13.61
C ALA C 148 5.03 -3.39 -14.99
N ASP C 149 3.74 -3.12 -15.19
CA ASP C 149 3.07 -3.36 -16.48
C ASP C 149 3.85 -2.56 -17.54
N THR C 150 4.03 -3.15 -18.73
CA THR C 150 4.77 -2.45 -19.80
C THR C 150 3.96 -1.24 -20.25
N VAL C 151 4.63 -0.24 -20.79
CA VAL C 151 3.93 0.95 -21.24
C VAL C 151 3.31 0.68 -22.60
N PRO C 152 2.01 0.98 -22.75
CA PRO C 152 1.28 0.78 -24.00
C PRO C 152 2.12 1.19 -25.22
N VAL C 153 1.86 0.55 -26.35
CA VAL C 153 2.59 0.86 -27.57
C VAL C 153 1.65 0.97 -28.76
N SER C 154 0.36 0.77 -28.53
CA SER C 154 -0.59 0.90 -29.63
C SER C 154 -1.78 1.73 -29.17
N VAL C 155 -2.23 2.61 -30.06
CA VAL C 155 -3.37 3.47 -29.78
C VAL C 155 -4.50 2.59 -29.27
N ASN C 156 -4.45 1.32 -29.66
CA ASN C 156 -5.46 0.33 -29.27
C ASN C 156 -5.33 -0.03 -27.80
N GLN C 157 -4.20 -0.63 -27.43
CA GLN C 157 -3.98 -1.03 -26.04
C GLN C 157 -4.41 0.10 -25.14
N LEU C 158 -4.08 1.31 -25.58
CA LEU C 158 -4.38 2.49 -24.81
C LEU C 158 -5.89 2.78 -24.75
N SER C 159 -6.63 2.32 -25.76
CA SER C 159 -8.07 2.56 -25.78
C SER C 159 -8.74 1.83 -24.63
N ASN C 160 -8.07 0.79 -24.15
CA ASN C 160 -8.59 -0.03 -23.06
C ASN C 160 -8.36 0.53 -21.65
N LEU C 161 -7.27 1.27 -21.46
CA LEU C 161 -6.98 1.85 -20.14
C LEU C 161 -8.14 2.60 -19.53
N ARG C 162 -8.04 2.83 -18.22
CA ARG C 162 -9.07 3.54 -17.47
C ARG C 162 -9.08 5.02 -17.80
N GLY C 163 -10.28 5.58 -17.93
CA GLY C 163 -10.43 6.99 -18.24
C GLY C 163 -9.75 7.38 -19.55
N TYR C 164 -9.97 6.58 -20.58
CA TYR C 164 -9.37 6.84 -21.89
C TYR C 164 -9.98 8.06 -22.54
N VAL C 165 -9.22 8.69 -23.44
CA VAL C 165 -9.67 9.89 -24.16
C VAL C 165 -8.89 10.08 -25.45
N SER C 166 -9.60 10.36 -26.53
CA SER C 166 -8.97 10.59 -27.83
C SER C 166 -9.58 11.84 -28.42
N GLY C 167 -8.93 12.43 -29.41
CA GLY C 167 -9.48 13.63 -30.02
C GLY C 167 -8.43 14.38 -30.80
N GLN C 168 -8.89 15.14 -31.79
CA GLN C 168 -7.99 15.91 -32.64
C GLN C 168 -7.10 16.86 -31.85
N VAL C 169 -5.83 16.89 -32.21
CA VAL C 169 -4.86 17.75 -31.57
C VAL C 169 -5.35 19.19 -31.45
N TRP C 170 -6.14 19.63 -32.42
CA TRP C 170 -6.64 21.00 -32.44
C TRP C 170 -7.97 21.24 -31.75
N SER C 171 -8.47 20.24 -31.01
CA SER C 171 -9.76 20.39 -30.31
C SER C 171 -9.53 20.32 -28.79
N GLY C 172 -10.62 20.27 -28.02
CA GLY C 172 -10.52 20.18 -26.58
C GLY C 172 -10.55 21.52 -25.84
N SER C 173 -10.66 22.59 -26.62
CA SER C 173 -10.71 23.93 -26.07
C SER C 173 -11.85 24.00 -25.09
N ALA C 174 -12.83 23.12 -25.29
CA ALA C 174 -13.99 23.08 -24.42
C ALA C 174 -13.61 22.95 -22.95
N GLY C 175 -12.58 22.15 -22.68
CA GLY C 175 -12.13 21.93 -21.30
C GLY C 175 -11.61 23.14 -20.53
N LEU C 176 -11.46 24.28 -21.19
CA LEU C 176 -10.94 25.48 -20.53
C LEU C 176 -11.64 25.76 -19.21
N CYS C 177 -12.96 25.77 -19.23
CA CYS C 177 -13.74 26.03 -18.02
C CYS C 177 -13.28 25.22 -16.80
N PHE C 178 -12.51 24.16 -17.02
CA PHE C 178 -12.01 23.34 -15.92
C PHE C 178 -10.82 24.01 -15.26
N ILE C 179 -9.86 24.38 -16.10
CA ILE C 179 -8.64 25.01 -15.66
C ILE C 179 -8.88 26.39 -15.06
N ASN C 180 -9.53 27.28 -15.80
CA ASN C 180 -9.79 28.62 -15.28
C ASN C 180 -10.72 28.52 -14.07
N GLY C 181 -11.61 27.54 -14.11
CA GLY C 181 -12.53 27.32 -13.00
C GLY C 181 -13.77 28.19 -13.08
N THR C 182 -14.36 28.25 -14.26
CA THR C 182 -15.56 29.05 -14.48
C THR C 182 -16.78 28.13 -14.54
N ARG C 183 -17.91 28.66 -14.99
CA ARG C 183 -19.14 27.85 -15.11
C ARG C 183 -19.00 26.99 -16.38
N CYS C 184 -19.12 25.67 -16.23
CA CYS C 184 -18.97 24.75 -17.36
C CYS C 184 -20.16 24.61 -18.31
N SER C 185 -19.90 24.74 -19.60
CA SER C 185 -20.93 24.65 -20.63
C SER C 185 -21.02 23.24 -21.22
N ASP C 186 -20.79 23.13 -22.52
CA ASP C 186 -20.82 21.84 -23.21
C ASP C 186 -19.40 21.31 -23.14
N THR C 187 -19.23 20.19 -22.43
CA THR C 187 -17.92 19.58 -22.28
C THR C 187 -17.84 18.27 -23.04
N SER C 188 -18.91 17.97 -23.78
CA SER C 188 -18.97 16.75 -24.56
C SER C 188 -17.87 16.73 -25.60
N THR C 189 -17.30 17.91 -25.86
CA THR C 189 -16.24 18.06 -26.87
C THR C 189 -14.84 18.16 -26.29
N ALA C 190 -14.73 18.28 -24.98
CA ALA C 190 -13.43 18.45 -24.33
C ALA C 190 -12.58 17.21 -24.16
N ILE C 191 -11.28 17.44 -24.22
CA ILE C 191 -10.30 16.37 -24.05
C ILE C 191 -9.65 16.52 -22.70
N SER C 192 -10.14 15.76 -21.73
CA SER C 192 -9.62 15.79 -20.38
C SER C 192 -10.11 14.55 -19.66
N THR C 193 -9.26 14.00 -18.79
CA THR C 193 -9.62 12.81 -18.03
C THR C 193 -9.31 13.01 -16.55
N THR C 194 -9.94 12.20 -15.70
CA THR C 194 -9.75 12.30 -14.26
C THR C 194 -9.32 10.98 -13.64
N LEU C 195 -8.56 11.09 -12.55
CA LEU C 195 -8.08 9.91 -11.86
C LEU C 195 -9.17 9.46 -10.90
N ASP C 196 -9.58 8.19 -11.02
CA ASP C 196 -10.61 7.64 -10.15
C ASP C 196 -10.01 7.37 -8.78
N VAL C 197 -9.86 8.42 -7.98
CA VAL C 197 -9.29 8.31 -6.64
C VAL C 197 -10.03 7.27 -5.78
N SER C 198 -11.27 7.01 -6.17
CA SER C 198 -12.14 6.08 -5.47
C SER C 198 -11.50 4.72 -5.15
N LYS C 199 -10.68 4.19 -6.06
CA LYS C 199 -10.07 2.87 -5.86
C LYS C 199 -8.57 2.69 -6.17
N LEU C 200 -7.69 3.14 -5.28
CA LEU C 200 -6.25 2.97 -5.49
C LEU C 200 -5.70 2.15 -4.34
N GLY C 201 -4.40 1.85 -4.39
CA GLY C 201 -3.79 1.08 -3.34
C GLY C 201 -4.22 1.57 -1.97
N LYS C 202 -3.63 2.69 -1.55
CA LYS C 202 -3.92 3.29 -0.26
C LYS C 202 -4.67 4.62 -0.44
N LYS C 203 -5.10 5.23 0.66
CA LYS C 203 -5.76 6.53 0.57
C LYS C 203 -4.62 7.49 0.86
N TRP C 204 -3.71 7.01 1.70
CA TRP C 204 -2.55 7.78 2.14
C TRP C 204 -1.18 7.34 1.61
N TYR C 205 -0.62 8.15 0.72
CA TYR C 205 0.68 7.85 0.17
C TYR C 205 1.73 8.78 0.78
N PRO C 206 3.00 8.35 0.77
CA PRO C 206 4.11 9.13 1.31
C PRO C 206 4.68 10.08 0.25
N TYR C 207 5.04 11.28 0.67
CA TYR C 207 5.62 12.23 -0.27
C TYR C 207 6.95 11.64 -0.66
N LYS C 208 7.14 11.44 -1.96
CA LYS C 208 8.39 10.87 -2.44
C LYS C 208 9.07 11.89 -3.35
N THR C 209 10.39 11.77 -3.53
CA THR C 209 11.13 12.68 -4.39
C THR C 209 11.56 11.92 -5.63
N SER C 210 11.50 12.56 -6.80
CA SER C 210 11.90 11.89 -8.04
C SER C 210 13.18 11.09 -7.81
N ALA C 211 14.18 11.77 -7.26
CA ALA C 211 15.46 11.15 -6.98
C ALA C 211 15.32 9.82 -6.24
N ASP C 212 15.09 9.89 -4.93
CA ASP C 212 14.94 8.70 -4.09
C ASP C 212 14.01 7.67 -4.73
N TYR C 213 12.93 8.15 -5.34
CA TYR C 213 11.98 7.27 -5.98
C TYR C 213 12.72 6.41 -6.97
N ALA C 214 13.28 7.04 -8.00
CA ALA C 214 14.02 6.31 -9.01
C ALA C 214 15.02 5.35 -8.39
N THR C 215 15.76 5.82 -7.38
CA THR C 215 16.74 4.97 -6.71
C THR C 215 16.09 3.66 -6.25
N ALA C 216 14.90 3.77 -5.67
CA ALA C 216 14.16 2.61 -5.16
C ALA C 216 13.60 1.73 -6.28
N VAL C 217 13.27 2.38 -7.40
CA VAL C 217 12.74 1.67 -8.54
C VAL C 217 13.91 1.00 -9.25
N GLY C 218 15.11 1.52 -9.00
CA GLY C 218 16.30 0.95 -9.62
C GLY C 218 16.50 -0.44 -9.06
N VAL C 219 16.21 -0.60 -7.78
CA VAL C 219 16.33 -1.88 -7.09
C VAL C 219 15.41 -2.84 -7.81
N ASP C 220 14.12 -2.53 -7.75
CA ASP C 220 13.09 -3.29 -8.46
C ASP C 220 11.92 -2.35 -8.59
N VAL C 221 11.37 -2.28 -9.81
CA VAL C 221 10.25 -1.42 -10.09
C VAL C 221 9.15 -1.62 -9.05
N ASN C 222 8.77 -2.87 -8.81
CA ASN C 222 7.72 -3.16 -7.87
C ASN C 222 7.70 -2.38 -6.58
N ILE C 223 8.86 -2.04 -6.02
CA ILE C 223 8.88 -1.28 -4.77
C ILE C 223 8.03 -0.02 -4.91
N ALA C 224 7.73 0.36 -6.15
CA ALA C 224 6.96 1.56 -6.46
C ALA C 224 5.50 1.59 -6.11
N THR C 225 4.79 0.48 -6.33
CA THR C 225 3.36 0.45 -6.04
C THR C 225 2.98 1.03 -4.68
N PRO C 226 3.84 0.89 -3.66
CA PRO C 226 3.46 1.49 -2.37
C PRO C 226 3.99 2.91 -2.25
N LEU C 227 4.43 3.48 -3.37
CA LEU C 227 4.99 4.83 -3.39
C LEU C 227 4.19 5.80 -4.26
N VAL C 228 3.39 5.26 -5.17
CA VAL C 228 2.58 6.09 -6.04
C VAL C 228 1.34 5.33 -6.48
N PRO C 229 0.18 6.00 -6.52
CA PRO C 229 -1.13 5.47 -6.91
C PRO C 229 -1.25 4.90 -8.31
N ALA C 230 -0.96 5.73 -9.30
CA ALA C 230 -1.03 5.31 -10.68
C ALA C 230 -0.21 6.27 -11.53
N ARG C 231 -0.30 6.15 -12.84
CA ARG C 231 0.45 7.03 -13.71
C ARG C 231 -0.35 7.33 -14.97
N LEU C 232 -0.05 8.47 -15.59
CA LEU C 232 -0.76 8.85 -16.81
C LEU C 232 0.00 8.43 -18.08
N VAL C 233 -0.74 7.86 -19.01
CA VAL C 233 -0.19 7.41 -20.29
C VAL C 233 -0.66 8.38 -21.35
N ILE C 234 0.25 8.81 -22.21
CA ILE C 234 -0.12 9.75 -23.25
C ILE C 234 0.49 9.42 -24.60
N ALA C 235 -0.38 9.18 -25.57
CA ALA C 235 0.05 8.84 -26.92
C ALA C 235 -0.31 9.92 -27.94
N LEU C 236 0.55 10.05 -28.94
CA LEU C 236 0.35 11.03 -30.00
C LEU C 236 0.80 10.49 -31.35
N LEU C 237 -0.16 10.25 -32.22
CA LEU C 237 0.11 9.76 -33.55
C LEU C 237 -0.85 10.44 -34.53
N ASP C 238 -0.83 9.97 -35.77
CA ASP C 238 -1.67 10.52 -36.83
C ASP C 238 -1.29 11.98 -37.16
N GLY C 239 0.01 12.26 -37.07
CA GLY C 239 0.53 13.59 -37.37
C GLY C 239 0.96 13.64 -38.82
N SER C 240 1.49 14.78 -39.28
CA SER C 240 1.88 14.90 -40.67
C SER C 240 3.36 14.99 -41.02
N SER C 241 4.23 15.26 -40.03
CA SER C 241 5.66 15.38 -40.31
C SER C 241 6.55 14.53 -39.41
N SER C 242 7.71 14.15 -39.93
CA SER C 242 8.68 13.33 -39.20
C SER C 242 9.28 14.13 -38.04
N THR C 243 9.35 15.44 -38.23
CA THR C 243 9.88 16.35 -37.22
C THR C 243 8.70 16.85 -36.41
N ALA C 244 8.77 16.67 -35.09
CA ALA C 244 7.70 17.09 -34.19
C ALA C 244 7.06 18.46 -34.46
N VAL C 245 5.75 18.54 -34.26
CA VAL C 245 5.00 19.79 -34.48
C VAL C 245 4.25 20.23 -33.22
N ALA C 246 4.20 21.54 -33.01
CA ALA C 246 3.54 22.12 -31.84
C ALA C 246 2.08 21.73 -31.81
N ALA C 247 1.71 20.88 -30.85
CA ALA C 247 0.34 20.42 -30.72
C ALA C 247 -0.51 21.22 -29.73
N GLY C 248 -0.16 21.10 -28.46
CA GLY C 248 -0.88 21.83 -27.43
C GLY C 248 -0.12 21.73 -26.13
N ARG C 249 -0.86 21.70 -25.03
CA ARG C 249 -0.26 21.60 -23.71
C ARG C 249 -1.28 21.02 -22.73
N ILE C 250 -0.79 20.33 -21.71
CA ILE C 250 -1.66 19.72 -20.72
C ILE C 250 -1.52 20.32 -19.33
N TYR C 251 -2.61 20.93 -18.87
CA TYR C 251 -2.65 21.51 -17.54
C TYR C 251 -3.33 20.52 -16.62
N CYS C 252 -2.85 20.46 -15.39
CA CYS C 252 -3.43 19.57 -14.41
C CYS C 252 -4.09 20.41 -13.32
N THR C 253 -5.30 20.01 -12.92
CA THR C 253 -6.04 20.71 -11.89
C THR C 253 -6.37 19.69 -10.82
N TYR C 254 -5.72 19.81 -9.67
CA TYR C 254 -5.91 18.86 -8.57
C TYR C 254 -6.35 19.46 -7.23
N THR C 255 -6.77 18.57 -6.33
CA THR C 255 -7.20 18.93 -4.99
C THR C 255 -6.53 17.90 -4.09
N ILE C 256 -5.61 18.34 -3.24
CA ILE C 256 -4.89 17.41 -2.39
C ILE C 256 -5.03 17.62 -0.90
N GLN C 257 -4.84 16.53 -0.16
CA GLN C 257 -4.89 16.55 1.29
C GLN C 257 -3.48 16.29 1.74
N MET C 258 -2.95 17.15 2.60
CA MET C 258 -1.58 16.98 3.08
C MET C 258 -1.60 16.84 4.57
N ILE C 259 -0.81 15.91 5.11
CA ILE C 259 -0.77 15.66 6.54
C ILE C 259 0.61 15.43 7.16
N GLU C 260 0.61 15.24 8.48
CA GLU C 260 1.82 14.96 9.26
C GLU C 260 3.09 15.73 8.84
N PRO C 261 3.18 17.02 9.22
CA PRO C 261 4.27 17.97 8.96
C PRO C 261 5.68 17.40 9.15
N THR C 262 6.64 18.07 8.51
CA THR C 262 8.06 17.72 8.58
C THR C 262 8.87 18.85 7.99
N ALA C 263 10.11 18.99 8.44
CA ALA C 263 10.97 20.04 7.91
C ALA C 263 11.11 19.74 6.43
N SER C 264 10.91 20.75 5.59
CA SER C 264 10.99 20.56 4.15
C SER C 264 12.18 19.70 3.67
N ALA C 265 13.36 20.00 4.20
CA ALA C 265 14.58 19.30 3.80
C ALA C 265 14.81 17.92 4.42
N LEU C 266 13.97 17.51 5.36
CA LEU C 266 14.14 16.21 5.98
C LEU C 266 13.33 15.19 5.19
N ASN C 267 12.57 15.67 4.20
CA ASN C 267 11.72 14.79 3.39
C ASN C 267 12.39 14.23 2.14
N ASN C 268 12.29 12.92 1.98
CA ASN C 268 12.85 12.25 0.81
C ASN C 268 11.74 11.42 0.18
CA CA D . 5.76 -11.66 10.00
CA CA E . 0.05 -5.65 -13.23
CA CA F . 8.88 11.76 2.28
#